data_9U7D
#
_entry.id   9U7D
#
_cell.length_a   111.639
_cell.length_b   111.639
_cell.length_c   220.006
_cell.angle_alpha   90.00
_cell.angle_beta   90.00
_cell.angle_gamma   90.00
#
_symmetry.space_group_name_H-M   'I 41 2 2'
#
loop_
_entity.id
_entity.type
_entity.pdbx_description
1 polymer 'Papain-like protease nsp3'
2 non-polymer (4~{a}~{S})-8-azanyl-3-methyl-~{N}-[1-[4-(oxan-4-ylamino)naphthalen-1-yl]cyclopropyl]-2,4,4~{a},5-tetrahydro-1~{H}-pyrazino[2,1-c][1,4]benzoxazine-9-carboxamide
3 non-polymer 'ZINC ION'
4 non-polymer 'CHLORIDE ION'
5 non-polymer DI(HYDROXYETHYL)ETHER
6 water water
#
_entity_poly.entity_id   1
_entity_poly.type   'polypeptide(L)'
_entity_poly.pdbx_seq_one_letter_code
;EVRTIKVFTTVDNINLHTQVVDMSMTYGQQFGPTYLDGADVTKIKPHNSHEGKTFYVLPNDDTLRVEAFEYYHTTDPSFL
GRYMSALNHTKKWKYPQVNGLTSIKWADNNSYLATALLTLQQIELKFNPPALQDAYYRARAGEAANFCALILAYCNKTVG
ELGDVRETMSYLFQHANLDSCKRVLNVVCKTCGQQQTTLKGVEAVMYMGTLSYEQFKKGVQIPCTCGKQATKYLVQQESP
FVMMSAPPAQYELKHGTFTCASEYTGNYQCGHYKHITSKETLYCIDGALLTKSSEYKGPITDVFYKENSYTT
;
_entity_poly.pdbx_strand_id   A
#
# COMPACT_ATOMS: atom_id res chain seq x y z
N LYS A 6 27.93 16.38 -18.05
CA LYS A 6 26.97 17.46 -17.81
C LYS A 6 25.53 16.93 -17.63
N VAL A 7 24.96 17.10 -16.42
CA VAL A 7 23.82 16.32 -15.95
C VAL A 7 22.83 17.24 -15.20
N PHE A 8 21.73 16.65 -14.73
CA PHE A 8 20.83 17.26 -13.75
C PHE A 8 20.68 16.35 -12.54
N THR A 9 20.64 16.93 -11.34
CA THR A 9 20.34 16.19 -10.13
C THR A 9 19.02 16.64 -9.52
N THR A 10 18.39 15.70 -8.83
CA THR A 10 17.14 15.94 -8.13
C THR A 10 17.12 15.06 -6.89
N VAL A 11 16.19 15.36 -5.98
CA VAL A 11 15.74 14.36 -5.02
C VAL A 11 14.28 13.99 -5.24
N ASP A 12 13.48 14.87 -5.85
CA ASP A 12 12.04 14.66 -6.03
C ASP A 12 11.64 14.36 -7.47
N ASN A 13 12.43 14.82 -8.44
CA ASN A 13 12.24 14.71 -9.89
C ASN A 13 11.29 15.83 -10.35
N ILE A 14 10.88 16.74 -9.47
CA ILE A 14 10.00 17.84 -9.83
C ILE A 14 10.95 19.01 -10.05
N ASN A 15 11.62 19.39 -8.96
CA ASN A 15 12.73 20.33 -8.98
C ASN A 15 13.98 19.66 -9.58
N LEU A 16 14.56 20.25 -10.61
CA LEU A 16 15.79 19.76 -11.22
C LEU A 16 16.93 20.76 -10.99
N HIS A 17 18.07 20.24 -10.53
CA HIS A 17 19.25 21.07 -10.29
C HIS A 17 20.26 20.79 -11.39
N THR A 18 20.77 21.85 -11.98
CA THR A 18 21.77 21.76 -13.04
C THR A 18 23.18 21.67 -12.45
N GLN A 19 23.90 20.62 -12.84
CA GLN A 19 25.25 20.33 -12.38
C GLN A 19 26.12 19.94 -13.58
N VAL A 20 27.33 20.48 -13.67
CA VAL A 20 28.31 20.02 -14.65
C VAL A 20 29.31 19.10 -13.95
N VAL A 21 29.45 17.88 -14.47
CA VAL A 21 30.12 16.79 -13.79
C VAL A 21 31.47 16.54 -14.46
N ASP A 22 32.55 16.73 -13.67
CA ASP A 22 33.92 16.48 -14.11
C ASP A 22 33.96 15.12 -14.77
N MET A 23 34.75 14.97 -15.80
CA MET A 23 34.39 13.90 -16.69
C MET A 23 35.30 12.67 -16.50
N SER A 24 36.31 12.76 -15.60
CA SER A 24 37.08 11.62 -15.08
C SER A 24 36.84 11.32 -13.60
N MET A 25 36.24 12.26 -12.86
CA MET A 25 35.69 11.97 -11.52
C MET A 25 34.47 11.07 -11.68
N THR A 26 34.25 10.18 -10.73
CA THR A 26 33.01 9.39 -10.79
C THR A 26 31.86 10.19 -10.19
N TYR A 27 30.70 9.55 -10.06
CA TYR A 27 29.51 10.31 -9.59
C TYR A 27 29.51 10.42 -8.07
N GLY A 28 29.69 9.30 -7.39
CA GLY A 28 29.57 9.32 -5.93
C GLY A 28 30.66 10.07 -5.20
N GLN A 29 31.41 10.86 -5.95
CA GLN A 29 32.55 11.61 -5.37
C GLN A 29 32.24 13.09 -5.45
N GLN A 30 31.76 13.53 -6.61
CA GLN A 30 31.36 14.93 -6.69
C GLN A 30 30.03 15.18 -5.99
N PHE A 31 28.99 14.40 -6.30
CA PHE A 31 27.68 14.57 -5.69
C PHE A 31 27.59 13.87 -4.34
N GLY A 32 27.78 12.54 -4.37
CA GLY A 32 27.59 11.70 -3.17
C GLY A 32 26.85 10.47 -3.67
N PRO A 33 26.09 9.72 -2.85
CA PRO A 33 25.33 8.60 -3.40
C PRO A 33 24.49 9.10 -4.57
N THR A 34 24.70 8.53 -5.77
CA THR A 34 23.98 9.02 -6.97
C THR A 34 23.28 7.86 -7.65
N TYR A 35 22.17 8.12 -8.35
CA TYR A 35 21.40 7.05 -8.99
C TYR A 35 20.91 7.49 -10.37
N LEU A 36 20.58 6.50 -11.19
CA LEU A 36 20.07 6.74 -12.54
C LEU A 36 19.06 5.65 -12.86
N ASP A 37 17.78 6.03 -12.92
CA ASP A 37 16.67 5.10 -13.21
C ASP A 37 16.69 3.90 -12.28
N GLY A 38 17.14 4.10 -11.05
CA GLY A 38 17.18 3.05 -10.05
C GLY A 38 18.54 2.40 -9.85
N ALA A 39 19.51 2.67 -10.72
CA ALA A 39 20.80 2.00 -10.65
C ALA A 39 21.75 2.82 -9.77
N ASP A 40 22.39 2.16 -8.81
CA ASP A 40 23.47 2.80 -8.07
C ASP A 40 24.60 3.12 -9.05
N VAL A 41 24.72 4.39 -9.44
CA VAL A 41 25.78 4.85 -10.32
C VAL A 41 26.88 5.56 -9.54
N THR A 42 26.97 5.33 -8.22
CA THR A 42 27.98 5.99 -7.39
C THR A 42 29.39 5.73 -7.91
N LYS A 43 29.69 4.48 -8.25
CA LYS A 43 31.04 4.06 -8.59
C LYS A 43 31.35 4.18 -10.09
N ILE A 44 30.50 4.85 -10.87
CA ILE A 44 30.61 4.93 -12.32
C ILE A 44 31.04 6.33 -12.72
N LYS A 45 31.92 6.43 -13.75
CA LYS A 45 32.35 7.70 -14.31
C LYS A 45 31.29 8.25 -15.28
N PRO A 46 31.20 9.59 -15.40
CA PRO A 46 30.17 10.19 -16.27
C PRO A 46 30.49 9.92 -17.73
N HIS A 47 29.75 9.00 -18.33
CA HIS A 47 30.04 8.63 -19.69
C HIS A 47 29.20 9.49 -20.65
N ASN A 48 29.69 9.60 -21.89
CA ASN A 48 29.02 10.39 -22.91
C ASN A 48 27.59 9.92 -23.18
N SER A 49 27.25 8.67 -22.83
CA SER A 49 25.91 8.14 -23.09
C SER A 49 24.85 8.92 -22.32
N HIS A 50 25.03 9.09 -21.02
CA HIS A 50 24.04 9.77 -20.20
C HIS A 50 24.48 11.18 -19.82
N GLU A 51 24.75 12.02 -20.82
CA GLU A 51 24.94 13.45 -20.61
C GLU A 51 23.61 14.15 -20.89
N GLY A 52 23.21 15.05 -19.99
CA GLY A 52 21.92 15.69 -20.11
C GLY A 52 20.76 14.95 -19.46
N LYS A 53 21.00 13.75 -18.93
CA LYS A 53 20.00 13.03 -18.16
C LYS A 53 20.01 13.49 -16.70
N THR A 54 19.02 13.05 -15.94
CA THR A 54 18.85 13.49 -14.55
C THR A 54 19.15 12.35 -13.59
N PHE A 55 19.78 12.67 -12.46
CA PHE A 55 20.19 11.69 -11.47
C PHE A 55 19.58 12.02 -10.12
N TYR A 56 18.98 11.02 -9.46
CA TYR A 56 18.61 11.17 -8.06
C TYR A 56 19.88 11.21 -7.19
N VAL A 57 19.94 12.17 -6.28
CA VAL A 57 21.02 12.25 -5.31
C VAL A 57 20.42 12.29 -3.91
N LEU A 58 21.25 12.14 -2.93
CA LEU A 58 20.83 12.25 -1.54
C LEU A 58 20.90 13.70 -1.08
N PRO A 59 20.01 14.11 -0.18
CA PRO A 59 19.98 15.51 0.26
C PRO A 59 21.25 15.98 1.00
N ASN A 60 22.07 16.80 0.36
CA ASN A 60 23.35 17.20 0.93
C ASN A 60 23.46 18.68 1.30
N ASP A 61 22.53 19.52 0.86
CA ASP A 61 22.35 20.85 1.43
C ASP A 61 20.89 20.99 1.84
N ASP A 62 20.57 22.11 2.52
CA ASP A 62 19.28 22.21 3.19
C ASP A 62 18.14 22.39 2.21
N THR A 63 18.42 22.97 1.03
CA THR A 63 17.45 23.04 -0.05
C THR A 63 16.96 21.65 -0.42
N LEU A 64 17.90 20.76 -0.70
CA LEU A 64 17.54 19.39 -1.06
C LEU A 64 16.80 18.71 0.06
N ARG A 65 17.16 19.02 1.31
CA ARG A 65 16.48 18.39 2.45
C ARG A 65 15.02 18.77 2.50
N VAL A 66 14.72 20.06 2.38
CA VAL A 66 13.33 20.51 2.41
C VAL A 66 12.56 19.92 1.22
N GLU A 67 13.18 19.92 0.03
CA GLU A 67 12.51 19.36 -1.14
C GLU A 67 12.16 17.89 -0.93
N ALA A 68 13.04 17.14 -0.26
CA ALA A 68 12.78 15.71 -0.05
C ALA A 68 11.65 15.51 0.94
N PHE A 69 11.59 16.33 1.99
CA PHE A 69 10.46 16.22 2.90
C PHE A 69 9.16 16.62 2.22
N GLU A 70 9.14 17.79 1.54
CA GLU A 70 7.93 18.26 0.87
C GLU A 70 7.30 17.13 0.05
N TYR A 71 8.16 16.31 -0.58
CA TYR A 71 7.73 15.33 -1.57
C TYR A 71 7.48 13.96 -0.96
N TYR A 72 8.35 13.51 -0.05
CA TYR A 72 8.18 12.18 0.49
C TYR A 72 7.76 12.15 1.95
N HIS A 73 7.88 13.26 2.66
CA HIS A 73 7.43 13.35 4.05
C HIS A 73 8.28 12.49 4.99
N THR A 74 9.55 12.26 4.65
CA THR A 74 10.47 11.65 5.58
C THR A 74 11.70 12.54 5.71
N THR A 75 12.41 12.41 6.83
CA THR A 75 13.77 12.92 6.89
C THR A 75 14.79 11.79 7.00
N ASP A 76 14.34 10.54 6.89
CA ASP A 76 15.13 9.30 6.94
C ASP A 76 16.16 9.27 5.82
N PRO A 77 17.44 9.34 6.17
CA PRO A 77 18.51 9.34 5.14
C PRO A 77 18.56 8.06 4.33
N SER A 78 18.13 6.94 4.92
CA SER A 78 18.04 5.68 4.19
C SER A 78 16.89 5.69 3.18
N PHE A 79 15.91 6.58 3.32
CA PHE A 79 14.71 6.45 2.52
C PHE A 79 15.04 6.40 1.04
N LEU A 80 15.78 7.40 0.57
CA LEU A 80 15.99 7.51 -0.86
C LEU A 80 16.75 6.30 -1.41
N GLY A 81 17.77 5.83 -0.68
CA GLY A 81 18.49 4.64 -1.13
C GLY A 81 17.63 3.38 -1.19
N ARG A 82 16.80 3.15 -0.18
CA ARG A 82 15.93 1.97 -0.23
C ARG A 82 14.94 2.08 -1.37
N TYR A 83 14.55 3.29 -1.73
CA TYR A 83 13.60 3.48 -2.85
C TYR A 83 14.30 3.22 -4.17
N MET A 84 15.48 3.80 -4.35
CA MET A 84 16.19 3.51 -5.59
C MET A 84 16.44 2.03 -5.74
N SER A 85 16.71 1.33 -4.63
CA SER A 85 17.04 -0.08 -4.66
C SER A 85 15.81 -0.93 -5.01
N ALA A 86 14.61 -0.47 -4.68
CA ALA A 86 13.45 -1.24 -5.11
C ALA A 86 13.09 -0.92 -6.55
N LEU A 87 13.14 0.37 -6.93
CA LEU A 87 12.84 0.77 -8.29
C LEU A 87 13.64 -0.02 -9.32
N ASN A 88 14.91 -0.27 -9.02
CA ASN A 88 15.78 -1.02 -9.92
C ASN A 88 15.16 -2.37 -10.29
N HIS A 89 14.39 -2.96 -9.37
CA HIS A 89 13.68 -4.19 -9.67
C HIS A 89 12.29 -3.91 -10.25
N THR A 90 11.47 -3.14 -9.53
CA THR A 90 10.09 -2.93 -9.94
C THR A 90 9.98 -2.36 -11.34
N LYS A 91 10.92 -1.51 -11.76
CA LYS A 91 10.88 -1.03 -13.14
C LYS A 91 11.08 -2.16 -14.15
N LYS A 92 11.55 -3.34 -13.72
CA LYS A 92 11.72 -4.48 -14.59
C LYS A 92 10.54 -5.44 -14.54
N TRP A 93 9.65 -5.26 -13.56
CA TRP A 93 8.39 -5.99 -13.55
C TRP A 93 7.51 -5.55 -14.73
N LYS A 94 6.60 -6.43 -15.11
CA LYS A 94 5.53 -6.17 -16.07
C LYS A 94 4.23 -5.88 -15.31
N TYR A 95 3.51 -4.86 -15.76
CA TYR A 95 2.30 -4.41 -15.07
C TYR A 95 1.12 -4.51 -16.02
N PRO A 96 0.56 -5.71 -16.23
CA PRO A 96 -0.48 -5.86 -17.24
C PRO A 96 -1.82 -5.39 -16.72
N GLN A 97 -2.64 -4.82 -17.62
CA GLN A 97 -3.98 -4.42 -17.26
C GLN A 97 -4.87 -5.66 -17.19
N VAL A 98 -5.51 -5.86 -16.04
CA VAL A 98 -6.35 -7.03 -15.82
C VAL A 98 -7.71 -6.52 -15.43
N ASN A 99 -8.70 -6.80 -16.28
CA ASN A 99 -10.07 -6.34 -16.13
C ASN A 99 -10.14 -4.84 -15.80
N GLY A 100 -9.31 -4.05 -16.52
CA GLY A 100 -9.22 -2.62 -16.35
C GLY A 100 -8.50 -2.15 -15.11
N LEU A 101 -7.80 -3.06 -14.43
CA LEU A 101 -6.98 -2.73 -13.28
C LEU A 101 -5.51 -2.97 -13.61
N THR A 102 -4.64 -2.14 -13.02
CA THR A 102 -3.20 -2.35 -13.16
C THR A 102 -2.80 -3.40 -12.15
N SER A 103 -2.32 -4.53 -12.63
CA SER A 103 -1.88 -5.66 -11.86
C SER A 103 -0.38 -5.82 -12.08
N ILE A 104 0.25 -6.82 -11.44
CA ILE A 104 1.68 -7.07 -11.61
C ILE A 104 1.88 -8.53 -11.97
N LYS A 105 2.57 -8.80 -13.07
CA LYS A 105 2.96 -10.18 -13.38
C LYS A 105 3.88 -10.70 -12.29
N TRP A 106 3.71 -11.96 -11.92
CA TRP A 106 4.44 -12.47 -10.76
C TRP A 106 5.96 -12.37 -10.95
N ALA A 107 6.61 -11.72 -9.99
CA ALA A 107 8.06 -11.74 -9.83
C ALA A 107 8.37 -11.57 -8.35
N ASP A 108 9.56 -12.00 -7.95
CA ASP A 108 10.17 -11.56 -6.70
C ASP A 108 9.18 -11.51 -5.53
N ASN A 109 8.33 -12.53 -5.41
CA ASN A 109 7.37 -12.72 -4.32
C ASN A 109 6.37 -11.57 -4.22
N ASN A 110 6.08 -10.86 -5.31
CA ASN A 110 5.28 -9.64 -5.26
C ASN A 110 3.77 -9.88 -5.23
N SER A 111 3.34 -11.13 -5.12
CA SER A 111 1.94 -11.50 -4.90
C SER A 111 1.17 -10.56 -3.94
N TYR A 112 1.76 -10.22 -2.79
CA TYR A 112 1.06 -9.32 -1.87
C TYR A 112 1.00 -7.88 -2.41
N LEU A 113 2.05 -7.43 -3.12
CA LEU A 113 2.03 -6.10 -3.74
C LEU A 113 0.93 -6.00 -4.78
N ALA A 114 0.88 -6.97 -5.72
CA ALA A 114 -0.24 -7.03 -6.65
C ALA A 114 -1.57 -6.89 -5.93
N THR A 115 -1.78 -7.69 -4.87
CA THR A 115 -3.07 -7.64 -4.21
C THR A 115 -3.31 -6.27 -3.57
N ALA A 116 -2.25 -5.67 -3.03
CA ALA A 116 -2.41 -4.30 -2.53
C ALA A 116 -2.71 -3.34 -3.67
N LEU A 117 -1.90 -3.42 -4.72
CA LEU A 117 -2.04 -2.50 -5.84
C LEU A 117 -3.45 -2.56 -6.44
N LEU A 118 -3.99 -3.76 -6.63
CA LEU A 118 -5.36 -3.88 -7.12
C LEU A 118 -6.37 -3.29 -6.14
N THR A 119 -6.23 -3.62 -4.84
CA THR A 119 -7.13 -3.04 -3.83
C THR A 119 -7.08 -1.52 -3.84
N LEU A 120 -5.87 -0.96 -3.95
CA LEU A 120 -5.74 0.49 -3.86
C LEU A 120 -6.50 1.20 -4.97
N GLN A 121 -6.56 0.59 -6.16
CA GLN A 121 -7.31 1.16 -7.27
C GLN A 121 -8.81 1.08 -7.06
N GLN A 122 -9.27 0.41 -6.02
CA GLN A 122 -10.69 0.20 -5.87
C GLN A 122 -11.25 0.86 -4.62
N ILE A 123 -10.40 1.33 -3.72
CA ILE A 123 -10.85 2.13 -2.60
C ILE A 123 -10.39 3.59 -2.78
N GLU A 124 -11.11 4.49 -2.12
CA GLU A 124 -10.96 5.93 -2.28
C GLU A 124 -9.95 6.44 -1.25
N LEU A 125 -8.75 6.78 -1.73
CA LEU A 125 -7.61 7.00 -0.86
C LEU A 125 -6.80 8.21 -1.32
N LYS A 126 -6.59 9.18 -0.45
CA LYS A 126 -5.75 10.33 -0.74
C LYS A 126 -4.47 10.29 0.09
N PHE A 127 -3.34 10.23 -0.60
CA PHE A 127 -2.04 10.09 0.05
C PHE A 127 -1.48 11.44 0.45
N ASN A 128 -0.88 11.48 1.63
CA ASN A 128 -0.30 12.73 2.13
C ASN A 128 1.03 13.09 1.45
N PRO A 129 2.03 12.20 1.35
CA PRO A 129 3.23 12.55 0.59
C PRO A 129 2.92 12.73 -0.88
N PRO A 130 3.12 13.93 -1.44
CA PRO A 130 2.93 14.09 -2.89
C PRO A 130 3.56 13.00 -3.73
N ALA A 131 4.63 12.36 -3.26
CA ALA A 131 5.30 11.33 -4.05
C ALA A 131 4.43 10.10 -4.20
N LEU A 132 3.81 9.66 -3.10
CA LEU A 132 2.87 8.54 -3.19
C LEU A 132 1.67 8.90 -4.05
N GLN A 133 1.15 10.12 -3.89
CA GLN A 133 -0.01 10.54 -4.67
C GLN A 133 0.30 10.58 -6.15
N ASP A 134 1.44 11.19 -6.52
CA ASP A 134 1.75 11.29 -7.94
C ASP A 134 1.96 9.91 -8.53
N ALA A 135 2.65 9.03 -7.80
CA ALA A 135 2.93 7.70 -8.33
C ALA A 135 1.68 6.83 -8.31
N TYR A 136 0.74 7.13 -7.43
CA TYR A 136 -0.51 6.38 -7.44
C TYR A 136 -1.31 6.73 -8.69
N TYR A 137 -1.43 8.01 -8.97
CA TYR A 137 -2.14 8.44 -10.20
C TYR A 137 -1.52 7.71 -11.35
N ARG A 138 -0.21 7.77 -11.47
CA ARG A 138 0.49 7.19 -12.63
C ARG A 138 0.35 5.68 -12.67
N ALA A 139 0.07 5.06 -11.53
CA ALA A 139 -0.12 3.60 -11.49
C ALA A 139 -1.53 3.28 -11.96
N ARG A 140 -2.49 4.06 -11.48
CA ARG A 140 -3.85 3.89 -11.99
C ARG A 140 -3.86 3.97 -13.51
N ALA A 141 -2.99 4.81 -14.09
CA ALA A 141 -2.83 4.92 -15.54
C ALA A 141 -2.04 3.76 -16.16
N GLY A 142 -1.40 2.89 -15.37
CA GLY A 142 -0.66 1.75 -15.90
C GLY A 142 0.85 1.77 -15.73
N GLU A 143 1.47 2.83 -15.19
CA GLU A 143 2.91 2.90 -14.95
CA GLU A 143 2.91 2.87 -14.95
C GLU A 143 3.14 2.81 -13.43
N ALA A 144 3.07 1.59 -12.90
CA ALA A 144 3.05 1.36 -11.46
C ALA A 144 4.41 1.00 -10.86
N ALA A 145 5.51 1.06 -11.61
CA ALA A 145 6.81 0.74 -11.03
C ALA A 145 7.12 1.68 -9.87
N ASN A 146 7.04 2.98 -10.09
CA ASN A 146 7.45 3.92 -9.03
C ASN A 146 6.55 3.76 -7.80
N PHE A 147 5.27 3.52 -8.01
CA PHE A 147 4.35 3.33 -6.89
C PHE A 147 4.77 2.12 -6.05
N CYS A 148 4.99 0.99 -6.72
CA CYS A 148 5.44 -0.20 -6.01
C CYS A 148 6.77 0.03 -5.29
N ALA A 149 7.76 0.60 -5.99
CA ALA A 149 9.02 0.87 -5.29
C ALA A 149 8.78 1.79 -4.10
N LEU A 150 7.83 2.73 -4.22
CA LEU A 150 7.53 3.58 -3.07
C LEU A 150 6.85 2.79 -1.95
N ILE A 151 5.92 1.89 -2.29
CA ILE A 151 5.26 1.08 -1.26
C ILE A 151 6.30 0.29 -0.47
N LEU A 152 7.23 -0.34 -1.17
CA LEU A 152 8.31 -1.04 -0.48
C LEU A 152 9.09 -0.08 0.42
N ALA A 153 9.39 1.12 -0.06
CA ALA A 153 10.17 2.01 0.79
C ALA A 153 9.38 2.44 2.01
N TYR A 154 8.11 2.78 1.82
CA TYR A 154 7.35 3.33 2.94
C TYR A 154 7.03 2.28 3.99
N CYS A 155 6.98 1.00 3.61
CA CYS A 155 6.77 -0.10 4.53
C CYS A 155 8.07 -0.72 5.06
N ASN A 156 9.23 -0.24 4.61
CA ASN A 156 10.52 -0.89 4.93
C ASN A 156 10.56 -2.36 4.52
N LYS A 157 10.01 -2.68 3.36
CA LYS A 157 10.23 -3.96 2.71
C LYS A 157 11.30 -3.81 1.63
N THR A 158 12.07 -4.86 1.42
CA THR A 158 12.93 -4.92 0.26
C THR A 158 12.29 -5.85 -0.76
N VAL A 159 12.77 -5.75 -2.00
CA VAL A 159 12.23 -6.61 -3.06
C VAL A 159 12.58 -8.06 -2.75
N GLY A 160 11.56 -8.91 -2.73
CA GLY A 160 11.69 -10.32 -2.44
C GLY A 160 11.18 -10.71 -1.07
N GLU A 161 11.27 -9.80 -0.10
CA GLU A 161 10.75 -10.02 1.24
C GLU A 161 9.30 -10.50 1.15
N LEU A 162 8.92 -11.41 2.05
CA LEU A 162 7.51 -11.76 2.17
C LEU A 162 6.73 -10.63 2.82
N GLY A 163 5.50 -10.43 2.39
CA GLY A 163 4.70 -9.30 2.86
C GLY A 163 3.29 -9.69 3.25
N ASP A 164 2.72 -8.90 4.14
CA ASP A 164 1.35 -9.05 4.63
C ASP A 164 0.46 -7.96 4.06
N VAL A 165 -0.56 -8.35 3.30
CA VAL A 165 -1.40 -7.37 2.60
C VAL A 165 -2.07 -6.42 3.60
N ARG A 166 -2.63 -6.98 4.69
CA ARG A 166 -3.21 -6.16 5.74
C ARG A 166 -2.18 -5.25 6.41
N GLU A 167 -0.97 -5.76 6.65
CA GLU A 167 0.07 -4.90 7.23
C GLU A 167 0.51 -3.82 6.26
N THR A 168 0.63 -4.14 4.97
CA THR A 168 1.00 -3.12 3.98
C THR A 168 -0.04 -2.03 3.90
N MET A 169 -1.30 -2.44 3.83
CA MET A 169 -2.41 -1.51 3.82
C MET A 169 -2.34 -0.59 5.02
N SER A 170 -2.18 -1.17 6.22
CA SER A 170 -2.17 -0.39 7.45
C SER A 170 -1.14 0.73 7.38
N TYR A 171 0.07 0.39 6.93
CA TYR A 171 1.12 1.40 6.80
C TYR A 171 0.76 2.44 5.75
N LEU A 172 0.23 1.99 4.60
CA LEU A 172 -0.18 2.93 3.57
C LEU A 172 -1.30 3.84 4.08
N PHE A 173 -2.30 3.27 4.76
CA PHE A 173 -3.35 4.09 5.36
C PHE A 173 -2.77 5.15 6.27
N GLN A 174 -1.68 4.82 6.96
CA GLN A 174 -1.05 5.78 7.85
C GLN A 174 -0.41 6.94 7.09
N HIS A 175 -0.20 6.82 5.78
CA HIS A 175 0.29 7.93 4.97
C HIS A 175 -0.80 8.54 4.12
N ALA A 176 -2.06 8.24 4.42
CA ALA A 176 -3.21 8.76 3.70
C ALA A 176 -4.02 9.68 4.61
N ASN A 177 -4.70 10.64 4.01
CA ASN A 177 -5.68 11.46 4.73
C ASN A 177 -6.89 10.58 5.03
N LEU A 178 -6.99 10.16 6.28
CA LEU A 178 -8.17 9.46 6.79
C LEU A 178 -8.75 10.20 7.99
N ASP A 179 -8.58 11.53 8.01
CA ASP A 179 -8.96 12.32 9.18
C ASP A 179 -10.48 12.38 9.35
N SER A 180 -11.25 12.38 8.26
CA SER A 180 -12.70 12.41 8.37
C SER A 180 -13.30 11.05 8.74
N CYS A 181 -12.48 10.03 9.00
CA CYS A 181 -12.96 8.69 9.31
C CYS A 181 -13.18 8.55 10.80
N LYS A 182 -14.27 7.89 11.16
CA LYS A 182 -14.75 7.88 12.54
C LYS A 182 -15.53 6.59 12.78
N ARG A 183 -15.27 5.96 13.93
CA ARG A 183 -15.90 4.71 14.35
C ARG A 183 -16.33 4.84 15.80
N VAL A 184 -17.62 4.68 16.06
CA VAL A 184 -18.13 4.69 17.42
C VAL A 184 -18.45 3.25 17.78
N LEU A 185 -17.64 2.66 18.65
CA LEU A 185 -17.91 1.32 19.13
C LEU A 185 -18.72 1.39 20.42
N ASN A 186 -19.14 0.22 20.89
CA ASN A 186 -19.74 0.09 22.22
C ASN A 186 -19.66 -1.37 22.64
N VAL A 187 -19.34 -1.60 23.91
CA VAL A 187 -19.13 -2.94 24.45
C VAL A 187 -20.14 -3.19 25.55
N VAL A 188 -20.73 -4.39 25.53
CA VAL A 188 -21.76 -4.77 26.55
C VAL A 188 -21.07 -5.52 27.69
N CYS A 189 -20.89 -4.87 28.84
CA CYS A 189 -20.24 -5.53 30.00
C CYS A 189 -21.26 -5.82 31.11
N LYS A 190 -21.68 -7.07 31.24
CA LYS A 190 -22.72 -7.43 32.24
C LYS A 190 -22.34 -6.85 33.61
N THR A 191 -21.05 -6.77 33.91
CA THR A 191 -20.63 -6.30 35.23
C THR A 191 -20.24 -4.83 35.22
N CYS A 192 -19.33 -4.43 34.34
CA CYS A 192 -18.88 -3.04 34.30
C CYS A 192 -19.93 -2.12 33.67
N GLY A 193 -20.71 -2.63 32.72
CA GLY A 193 -21.79 -1.85 32.13
C GLY A 193 -21.68 -1.59 30.65
N GLN A 194 -21.86 -0.34 30.24
CA GLN A 194 -21.72 0.08 28.86
C GLN A 194 -20.66 1.16 28.81
N GLN A 195 -19.97 1.27 27.67
CA GLN A 195 -18.73 2.05 27.60
C GLN A 195 -18.34 2.23 26.13
N GLN A 196 -18.47 3.47 25.62
CA GLN A 196 -18.53 3.75 24.17
C GLN A 196 -17.18 4.23 23.66
N THR A 197 -16.34 3.29 23.27
CA THR A 197 -15.09 3.61 22.59
C THR A 197 -15.37 4.38 21.29
N THR A 198 -14.46 5.28 20.95
CA THR A 198 -14.53 5.98 19.69
C THR A 198 -13.16 5.96 19.00
N LEU A 199 -13.15 5.65 17.71
CA LEU A 199 -11.91 5.50 16.94
C LEU A 199 -11.97 6.41 15.71
N LYS A 200 -10.89 7.14 15.46
CA LYS A 200 -10.72 7.92 14.23
C LYS A 200 -9.46 7.45 13.52
N GLY A 201 -9.31 7.86 12.25
CA GLY A 201 -8.13 7.48 11.48
C GLY A 201 -8.11 6.02 11.03
N VAL A 202 -6.88 5.56 10.76
CA VAL A 202 -6.61 4.17 10.36
C VAL A 202 -7.40 3.20 11.22
N GLU A 203 -7.44 3.46 12.53
CA GLU A 203 -8.14 2.60 13.48
C GLU A 203 -9.65 2.59 13.28
N ALA A 204 -10.22 3.59 12.60
CA ALA A 204 -11.65 3.61 12.30
C ALA A 204 -11.99 2.84 11.04
N VAL A 205 -10.99 2.41 10.30
CA VAL A 205 -11.18 1.77 9.01
C VAL A 205 -10.76 0.29 9.01
N MET A 206 -10.01 -0.15 10.02
CA MET A 206 -9.47 -1.51 10.08
C MET A 206 -10.06 -2.29 11.26
N TYR A 207 -10.39 -3.56 11.04
CA TYR A 207 -10.72 -4.47 12.13
C TYR A 207 -10.06 -5.83 11.88
N MET A 208 -9.63 -6.51 12.95
CA MET A 208 -8.94 -7.78 12.79
C MET A 208 -9.67 -8.98 13.39
N GLY A 209 -10.88 -8.82 13.86
CA GLY A 209 -11.54 -10.02 14.33
C GLY A 209 -12.26 -10.86 13.28
N THR A 210 -12.86 -10.23 12.27
CA THR A 210 -13.77 -10.96 11.39
C THR A 210 -13.74 -10.39 9.98
N LEU A 211 -14.25 -11.20 9.05
CA LEU A 211 -14.39 -10.79 7.67
C LEU A 211 -15.73 -10.09 7.38
N SER A 212 -16.80 -10.48 8.08
CA SER A 212 -18.15 -10.02 7.76
C SER A 212 -18.40 -8.66 8.40
N TYR A 213 -18.59 -7.64 7.56
CA TYR A 213 -19.00 -6.34 8.08
C TYR A 213 -20.36 -6.41 8.78
N GLU A 214 -21.27 -7.24 8.27
CA GLU A 214 -22.56 -7.39 8.94
C GLU A 214 -22.43 -8.02 10.31
N GLN A 215 -21.39 -8.82 10.53
CA GLN A 215 -21.22 -9.45 11.84
C GLN A 215 -20.64 -8.49 12.84
N PHE A 216 -19.72 -7.62 12.39
CA PHE A 216 -19.26 -6.49 13.18
C PHE A 216 -20.44 -5.67 13.67
N LYS A 217 -21.36 -5.33 12.75
CA LYS A 217 -22.49 -4.47 13.08
C LYS A 217 -23.36 -5.12 14.13
N LYS A 218 -23.36 -6.45 14.18
CA LYS A 218 -24.17 -7.21 15.10
C LYS A 218 -23.38 -7.70 16.30
N GLY A 219 -22.23 -7.10 16.58
CA GLY A 219 -21.54 -7.42 17.82
C GLY A 219 -20.55 -8.55 17.75
N VAL A 220 -19.27 -8.26 17.98
CA VAL A 220 -18.23 -9.26 18.02
C VAL A 220 -17.82 -9.48 19.47
N GLN A 221 -17.28 -10.66 19.74
CA GLN A 221 -16.84 -11.05 21.08
C GLN A 221 -15.49 -10.45 21.49
N ILE A 222 -15.48 -9.79 22.65
CA ILE A 222 -14.26 -9.49 23.41
C ILE A 222 -14.42 -9.93 24.86
N PRO A 223 -13.33 -10.07 25.65
CA PRO A 223 -13.45 -10.38 27.06
C PRO A 223 -13.47 -9.05 27.83
N CYS A 224 -14.60 -8.65 28.38
CA CYS A 224 -14.59 -7.31 29.01
C CYS A 224 -13.55 -7.24 30.14
N THR A 225 -13.08 -6.03 30.47
CA THR A 225 -12.14 -5.86 31.61
C THR A 225 -12.45 -6.90 32.65
N CYS A 226 -13.73 -7.08 32.97
CA CYS A 226 -14.20 -8.06 33.96
C CYS A 226 -13.56 -9.44 33.83
N GLY A 227 -13.14 -9.87 32.64
CA GLY A 227 -12.54 -11.18 32.48
C GLY A 227 -13.24 -12.04 31.46
N LYS A 228 -14.47 -12.46 31.76
CA LYS A 228 -15.25 -13.26 30.84
C LYS A 228 -15.60 -12.45 29.59
N GLN A 229 -16.37 -13.07 28.70
CA GLN A 229 -16.58 -12.51 27.37
C GLN A 229 -17.64 -11.41 27.38
N ALA A 230 -17.54 -10.51 26.39
CA ALA A 230 -18.47 -9.42 26.14
C ALA A 230 -18.83 -9.44 24.66
N THR A 231 -19.61 -8.45 24.25
CA THR A 231 -19.88 -8.25 22.83
C THR A 231 -19.56 -6.80 22.48
N LYS A 232 -18.94 -6.63 21.31
CA LYS A 232 -18.39 -5.34 20.87
C LYS A 232 -18.98 -5.04 19.50
N TYR A 233 -19.92 -4.11 19.44
CA TYR A 233 -20.60 -3.84 18.20
C TYR A 233 -20.42 -2.40 17.78
N LEU A 234 -20.67 -2.18 16.48
CA LEU A 234 -20.45 -0.85 15.90
C LEU A 234 -21.71 -0.02 16.02
N VAL A 235 -21.54 1.23 16.40
CA VAL A 235 -22.63 2.18 16.52
C VAL A 235 -22.61 3.20 15.39
N GLN A 236 -21.44 3.68 14.99
CA GLN A 236 -21.35 4.59 13.87
C GLN A 236 -20.07 4.33 13.08
N GLN A 237 -20.21 4.18 11.76
CA GLN A 237 -19.11 3.96 10.83
C GLN A 237 -19.14 5.01 9.72
N GLU A 238 -18.50 6.14 9.96
CA GLU A 238 -18.38 7.22 8.98
C GLU A 238 -17.00 7.11 8.33
N SER A 239 -16.95 6.54 7.14
CA SER A 239 -15.71 6.39 6.39
C SER A 239 -16.07 5.98 4.97
N PRO A 240 -15.17 6.22 4.00
CA PRO A 240 -15.47 5.82 2.63
C PRO A 240 -15.40 4.32 2.41
N PHE A 241 -14.76 3.60 3.32
CA PHE A 241 -14.63 2.14 3.21
C PHE A 241 -14.24 1.60 4.57
N VAL A 242 -14.40 0.29 4.73
CA VAL A 242 -13.85 -0.42 5.87
C VAL A 242 -13.11 -1.63 5.32
N MET A 243 -12.11 -2.04 6.10
CA MET A 243 -11.32 -3.25 5.78
C MET A 243 -11.50 -4.22 6.94
N MET A 244 -12.11 -5.36 6.66
CA MET A 244 -12.32 -6.40 7.64
C MET A 244 -11.28 -7.48 7.43
N SER A 245 -10.60 -7.90 8.48
CA SER A 245 -9.61 -8.94 8.33
C SER A 245 -9.75 -9.96 9.45
N ALA A 246 -9.18 -11.12 9.18
CA ALA A 246 -9.24 -12.26 10.07
C ALA A 246 -8.23 -13.28 9.54
N PRO A 247 -7.58 -14.06 10.38
CA PRO A 247 -6.63 -15.06 9.88
C PRO A 247 -7.28 -15.93 8.81
N PRO A 248 -6.52 -16.34 7.81
CA PRO A 248 -7.12 -16.98 6.63
C PRO A 248 -8.01 -18.16 6.99
N ALA A 249 -9.19 -18.21 6.37
CA ALA A 249 -10.09 -19.35 6.51
C ALA A 249 -10.99 -19.45 5.28
N GLN A 250 -11.41 -20.69 4.95
CA GLN A 250 -12.49 -20.92 4.00
C GLN A 250 -13.69 -20.03 4.30
N TYR A 251 -14.20 -19.41 3.24
CA TYR A 251 -15.17 -18.33 3.32
C TYR A 251 -15.88 -18.18 1.98
N GLU A 252 -17.20 -18.02 2.02
CA GLU A 252 -17.97 -17.79 0.79
C GLU A 252 -18.04 -16.27 0.57
N LEU A 253 -17.36 -15.79 -0.48
CA LEU A 253 -17.60 -14.45 -1.03
C LEU A 253 -18.80 -14.50 -1.98
N LYS A 254 -19.91 -13.89 -1.59
CA LYS A 254 -21.05 -13.78 -2.49
C LYS A 254 -20.94 -12.48 -3.28
N HIS A 255 -21.22 -12.59 -4.58
CA HIS A 255 -21.13 -11.48 -5.52
C HIS A 255 -22.05 -10.32 -5.13
N GLY A 256 -21.51 -9.10 -5.20
CA GLY A 256 -22.27 -7.88 -4.98
C GLY A 256 -22.34 -7.37 -3.55
N THR A 257 -21.78 -8.09 -2.57
CA THR A 257 -21.86 -7.71 -1.16
C THR A 257 -20.55 -7.25 -0.57
N PHE A 258 -19.51 -7.15 -1.39
CA PHE A 258 -18.19 -6.69 -0.95
C PHE A 258 -17.53 -6.01 -2.13
N THR A 259 -16.56 -5.16 -1.84
CA THR A 259 -15.83 -4.52 -2.92
C THR A 259 -14.77 -5.46 -3.50
N CYS A 260 -13.79 -5.86 -2.67
CA CYS A 260 -12.76 -6.79 -3.08
C CYS A 260 -12.23 -7.52 -1.84
N ALA A 261 -11.40 -8.54 -2.09
CA ALA A 261 -10.98 -9.43 -1.02
C ALA A 261 -9.60 -10.00 -1.29
N SER A 262 -8.87 -10.26 -0.20
CA SER A 262 -7.59 -10.98 -0.20
C SER A 262 -7.80 -12.48 -0.04
N GLU A 263 -7.37 -13.24 -1.04
CA GLU A 263 -7.36 -14.71 -0.92
C GLU A 263 -5.91 -15.11 -0.64
N TYR A 264 -5.70 -15.97 0.35
CA TYR A 264 -4.37 -16.39 0.74
C TYR A 264 -4.35 -17.90 0.93
N THR A 265 -3.44 -18.60 0.27
CA THR A 265 -3.33 -20.05 0.39
C THR A 265 -1.95 -20.40 0.91
N GLY A 266 -1.90 -21.20 2.00
CA GLY A 266 -0.64 -21.67 2.53
C GLY A 266 -0.44 -21.32 3.99
N ASN A 267 0.79 -21.53 4.47
CA ASN A 267 1.13 -21.24 5.85
C ASN A 267 1.42 -19.75 6.04
N TYR A 268 1.29 -19.30 7.29
CA TYR A 268 1.81 -18.04 7.76
C TYR A 268 3.16 -17.77 7.11
N GLN A 269 3.19 -16.77 6.22
CA GLN A 269 4.37 -16.28 5.50
C GLN A 269 4.71 -17.15 4.28
N CYS A 270 4.69 -18.48 4.41
CA CYS A 270 4.88 -19.36 3.25
C CYS A 270 3.55 -19.59 2.55
N GLY A 271 3.12 -18.58 1.79
CA GLY A 271 1.86 -18.63 1.09
C GLY A 271 1.81 -17.64 -0.05
N HIS A 272 0.65 -17.60 -0.71
CA HIS A 272 0.49 -16.84 -1.95
C HIS A 272 -0.87 -16.16 -1.94
N TYR A 273 -0.87 -14.85 -2.20
CA TYR A 273 -2.09 -14.05 -2.22
C TYR A 273 -2.71 -13.98 -3.63
N LYS A 274 -4.04 -14.12 -3.69
CA LYS A 274 -4.81 -13.76 -4.87
C LYS A 274 -5.76 -12.62 -4.53
N HIS A 275 -6.24 -11.91 -5.56
CA HIS A 275 -7.21 -10.83 -5.37
C HIS A 275 -8.54 -11.24 -5.97
N ILE A 276 -9.61 -10.99 -5.22
CA ILE A 276 -10.97 -11.30 -5.66
C ILE A 276 -11.79 -10.02 -5.58
N THR A 277 -12.50 -9.70 -6.66
CA THR A 277 -13.19 -8.43 -6.75
C THR A 277 -14.54 -8.62 -7.43
N SER A 278 -15.56 -8.01 -6.82
CA SER A 278 -16.95 -8.12 -7.24
C SER A 278 -17.26 -7.03 -8.26
N LYS A 279 -17.29 -7.38 -9.53
CA LYS A 279 -17.81 -6.47 -10.54
C LYS A 279 -19.20 -6.96 -10.90
N GLU A 280 -19.52 -6.98 -12.20
CA GLU A 280 -20.77 -7.59 -12.60
C GLU A 280 -20.77 -9.08 -12.35
N THR A 281 -19.61 -9.67 -12.09
CA THR A 281 -19.49 -11.01 -11.50
C THR A 281 -18.18 -11.04 -10.72
N LEU A 282 -17.78 -12.22 -10.24
CA LEU A 282 -16.58 -12.32 -9.40
C LEU A 282 -15.35 -12.53 -10.27
N TYR A 283 -14.29 -11.78 -9.98
CA TYR A 283 -13.05 -11.89 -10.72
C TYR A 283 -11.93 -12.31 -9.77
N CYS A 284 -11.23 -13.38 -10.11
CA CYS A 284 -10.00 -13.75 -9.42
C CYS A 284 -8.83 -13.22 -10.26
N ILE A 285 -8.07 -12.29 -9.71
CA ILE A 285 -6.92 -11.71 -10.38
C ILE A 285 -5.68 -12.23 -9.66
N ASP A 286 -4.89 -13.04 -10.35
CA ASP A 286 -3.65 -13.60 -9.78
C ASP A 286 -2.45 -13.10 -10.60
N GLY A 287 -1.99 -11.89 -10.28
CA GLY A 287 -0.98 -11.26 -11.11
C GLY A 287 -1.52 -11.01 -12.52
N ALA A 288 -0.88 -11.60 -13.52
CA ALA A 288 -1.32 -11.42 -14.90
C ALA A 288 -2.49 -12.33 -15.30
N LEU A 289 -2.93 -13.23 -14.41
CA LEU A 289 -3.92 -14.25 -14.72
C LEU A 289 -5.31 -13.85 -14.22
N LEU A 290 -6.34 -14.26 -14.95
CA LEU A 290 -7.71 -13.82 -14.69
C LEU A 290 -8.67 -15.00 -14.71
N THR A 291 -9.37 -15.19 -13.60
CA THR A 291 -10.46 -16.15 -13.43
C THR A 291 -11.75 -15.43 -13.08
N LYS A 292 -12.84 -15.94 -13.63
CA LYS A 292 -14.14 -15.32 -13.55
C LYS A 292 -15.10 -16.39 -13.06
N SER A 293 -15.84 -16.12 -11.99
CA SER A 293 -16.85 -17.08 -11.51
C SER A 293 -18.00 -16.33 -10.83
N SER A 294 -19.10 -17.05 -10.60
CA SER A 294 -20.36 -16.50 -10.11
C SER A 294 -20.44 -16.48 -8.58
N GLU A 295 -20.21 -17.64 -7.94
CA GLU A 295 -19.99 -17.75 -6.52
C GLU A 295 -18.51 -17.99 -6.27
N TYR A 296 -18.13 -17.98 -4.99
CA TYR A 296 -16.73 -18.30 -4.67
C TYR A 296 -16.54 -18.72 -3.24
N LYS A 297 -16.11 -19.96 -3.03
CA LYS A 297 -15.63 -20.39 -1.72
C LYS A 297 -14.11 -20.52 -1.81
N GLY A 298 -13.40 -20.07 -0.77
CA GLY A 298 -11.95 -20.17 -0.71
C GLY A 298 -11.37 -19.48 0.52
N PRO A 299 -10.04 -19.58 0.74
CA PRO A 299 -9.43 -18.99 1.95
C PRO A 299 -9.22 -17.48 1.92
N ILE A 300 -10.13 -16.70 2.50
CA ILE A 300 -10.05 -15.23 2.47
C ILE A 300 -9.53 -14.73 3.82
N THR A 301 -8.78 -13.62 3.78
CA THR A 301 -8.21 -13.02 5.00
C THR A 301 -8.50 -11.52 5.13
N ASP A 302 -8.88 -10.83 4.04
CA ASP A 302 -9.24 -9.41 4.03
C ASP A 302 -10.45 -9.27 3.11
N VAL A 303 -11.47 -8.53 3.54
CA VAL A 303 -12.56 -8.14 2.66
C VAL A 303 -12.72 -6.64 2.78
N PHE A 304 -12.92 -5.97 1.64
CA PHE A 304 -13.13 -4.52 1.60
C PHE A 304 -14.60 -4.17 1.33
N TYR A 305 -15.11 -3.20 2.08
CA TYR A 305 -16.48 -2.76 1.92
C TYR A 305 -16.54 -1.26 1.69
N LYS A 306 -17.61 -0.80 1.07
CA LYS A 306 -17.75 0.61 0.74
C LYS A 306 -18.86 1.22 1.60
N GLU A 307 -18.59 2.44 2.10
CA GLU A 307 -19.44 3.13 3.06
C GLU A 307 -19.65 4.59 2.64
N ASN A 308 -20.51 5.27 3.40
CA ASN A 308 -20.67 6.71 3.34
C ASN A 308 -20.63 7.24 4.77
N SER A 309 -21.69 6.89 5.50
CA SER A 309 -21.92 7.38 6.87
C SER A 309 -22.99 6.46 7.46
N TYR A 310 -22.56 5.33 8.05
CA TYR A 310 -23.47 4.34 8.65
C TYR A 310 -23.71 4.62 10.12
N THR A 311 -24.97 4.49 10.55
CA THR A 311 -25.41 4.71 11.92
C THR A 311 -26.32 3.55 12.36
N THR A 312 -26.12 3.07 13.60
CA THR A 312 -26.77 1.85 14.09
C THR A 312 -28.25 2.00 14.47
#